data_6M34
#
_entry.id   6M34
#
_cell.length_a   144.500
_cell.length_b   79.750
_cell.length_c   70.300
_cell.angle_alpha   90.000
_cell.angle_beta   111.870
_cell.angle_gamma   90.000
#
_symmetry.space_group_name_H-M   'C 1 2 1'
#
loop_
_entity.id
_entity.type
_entity.pdbx_description
1 polymer 'Digeranylgeranylglyceryl phosphate synthase'
2 non-polymer '[(Z)-octadec-9-enyl] (2R)-2,3-bis(oxidanyl)propanoate'
3 non-polymer 'DIMETHYLALLYL DIPHOSPHATE'
4 non-polymer 'PHOSPHATE ION'
5 non-polymer 'MAGNESIUM ION'
6 non-polymer 'LAURYL DIMETHYLAMINE-N-OXIDE'
#
_entity_poly.entity_id   1
_entity_poly.type   'polypeptide(L)'
_entity_poly.pdbx_seq_one_letter_code
;MGVFMEKLKTYLELIRVKNCITASIGGIIGYLISSNFEIDILKSLLVFFVVFFVCAYGNVINDIFDIEIDRINKPSRPLP
SGKIKLNEAKKFSAILLILGLVLSLFINIYALIIAVINALFLYLYAKKYKKYKPIGNFIIGYLTGSVFLFGGVAGKNVMP
VVILFLCSLLSIWGREIVKDFEDMEGDKKEGVISLPIKYGKKSLYFATFLVVLAVILSPLPYILKIFGIWYLILIAICDI
LFIYAMALLLKEPNKETASKVSKFLKIIMNIVLLAFIVGAIKL
;
_entity_poly.pdbx_strand_id   A,B
#
loop_
_chem_comp.id
_chem_comp.type
_chem_comp.name
_chem_comp.formula
DMA non-polymer 'DIMETHYLALLYL DIPHOSPHATE' 'C5 H12 O7 P2'
LDA non-polymer 'LAURYL DIMETHYLAMINE-N-OXIDE' 'C14 H31 N O'
MG non-polymer 'MAGNESIUM ION' 'Mg 2'
MPG non-polymer '[(Z)-octadec-9-enyl] (2R)-2,3-bis(oxidanyl)propanoate' 'C21 H40 O4'
PO4 non-polymer 'PHOSPHATE ION' 'O4 P -3'
#
# COMPACT_ATOMS: atom_id res chain seq x y z
N PHE A 4 -3.64 -12.17 23.80
CA PHE A 4 -3.46 -12.70 22.45
C PHE A 4 -3.58 -11.62 21.35
N MET A 5 -3.92 -10.38 21.73
CA MET A 5 -4.02 -9.24 20.81
C MET A 5 -2.59 -8.74 20.54
N GLU A 6 -1.74 -8.72 21.59
CA GLU A 6 -0.34 -8.32 21.55
C GLU A 6 0.51 -9.42 20.90
N LYS A 7 0.20 -10.71 21.19
CA LYS A 7 0.91 -11.86 20.63
C LYS A 7 0.73 -11.96 19.11
N LEU A 8 -0.50 -11.72 18.61
CA LEU A 8 -0.82 -11.71 17.17
C LEU A 8 -0.03 -10.60 16.48
N LYS A 9 0.11 -9.42 17.13
CA LYS A 9 0.89 -8.28 16.63
C LYS A 9 2.38 -8.65 16.56
N THR A 10 2.83 -9.50 17.49
CA THR A 10 4.24 -9.95 17.54
C THR A 10 4.52 -10.94 16.40
N TYR A 11 3.59 -11.86 16.17
CA TYR A 11 3.70 -12.86 15.10
C TYR A 11 3.61 -12.21 13.70
N LEU A 12 2.81 -11.13 13.56
CA LEU A 12 2.68 -10.38 12.31
C LEU A 12 3.94 -9.56 12.03
N GLU A 13 4.63 -9.13 13.13
CA GLU A 13 5.91 -8.39 13.12
C GLU A 13 7.04 -9.34 12.68
N LEU A 14 7.00 -10.62 13.14
CA LEU A 14 7.96 -11.67 12.80
C LEU A 14 7.89 -11.99 11.29
N ILE A 15 6.67 -12.29 10.75
CA ILE A 15 6.46 -12.58 9.32
C ILE A 15 6.63 -11.35 8.41
N ARG A 16 6.53 -10.12 8.98
CA ARG A 16 6.58 -8.83 8.27
C ARG A 16 5.41 -8.84 7.27
N VAL A 17 4.17 -8.76 7.82
CA VAL A 17 2.90 -8.85 7.10
C VAL A 17 2.80 -7.88 5.90
N LYS A 18 3.39 -6.67 5.99
CA LYS A 18 3.38 -5.70 4.90
C LYS A 18 4.15 -6.21 3.69
N ASN A 19 5.39 -6.73 3.91
CA ASN A 19 6.26 -7.30 2.88
C ASN A 19 5.60 -8.49 2.15
N CYS A 20 4.87 -9.35 2.91
CA CYS A 20 4.16 -10.53 2.39
C CYS A 20 3.01 -10.14 1.47
N ILE A 21 2.20 -9.12 1.86
CA ILE A 21 1.08 -8.59 1.09
C ILE A 21 1.61 -7.96 -0.21
N THR A 22 2.78 -7.29 -0.13
CA THR A 22 3.48 -6.68 -1.27
C THR A 22 3.85 -7.76 -2.30
N ALA A 23 4.45 -8.89 -1.80
CA ALA A 23 4.86 -10.03 -2.60
C ALA A 23 3.64 -10.74 -3.19
N SER A 24 2.57 -10.91 -2.38
CA SER A 24 1.33 -11.54 -2.78
C SER A 24 0.64 -10.77 -3.92
N ILE A 25 0.64 -9.41 -3.84
CA ILE A 25 0.09 -8.52 -4.88
C ILE A 25 0.90 -8.74 -6.18
N GLY A 26 2.23 -8.87 -6.06
CA GLY A 26 3.13 -9.19 -7.16
C GLY A 26 2.75 -10.49 -7.85
N GLY A 27 2.34 -11.48 -7.05
CA GLY A 27 1.86 -12.78 -7.51
C GLY A 27 0.53 -12.67 -8.25
N ILE A 28 -0.33 -11.76 -7.81
CA ILE A 28 -1.63 -11.52 -8.47
C ILE A 28 -1.35 -10.82 -9.79
N ILE A 29 -0.49 -9.80 -9.77
CA ILE A 29 -0.07 -9.03 -10.95
C ILE A 29 0.31 -9.99 -12.08
N GLY A 30 1.14 -10.99 -11.75
CA GLY A 30 1.59 -12.03 -12.66
C GLY A 30 0.46 -12.86 -13.20
N TYR A 31 -0.54 -13.17 -12.33
CA TYR A 31 -1.72 -13.95 -12.70
C TYR A 31 -2.65 -13.16 -13.62
N LEU A 32 -2.80 -11.84 -13.37
CA LEU A 32 -3.62 -10.93 -14.18
C LEU A 32 -3.09 -10.86 -15.63
N ILE A 33 -1.75 -10.72 -15.81
CA ILE A 33 -1.07 -10.67 -17.11
C ILE A 33 -1.28 -11.99 -17.88
N SER A 34 -1.11 -13.13 -17.18
CA SER A 34 -1.21 -14.48 -17.73
C SER A 34 -2.63 -14.86 -18.18
N SER A 35 -3.65 -14.44 -17.42
CA SER A 35 -5.07 -14.69 -17.71
C SER A 35 -5.73 -13.56 -18.56
N ASN A 36 -4.95 -12.49 -18.88
CA ASN A 36 -5.36 -11.29 -19.64
C ASN A 36 -6.53 -10.57 -18.95
N PHE A 37 -6.42 -10.45 -17.61
CA PHE A 37 -7.36 -9.85 -16.65
C PHE A 37 -8.66 -10.67 -16.46
N GLU A 38 -8.81 -11.80 -17.18
CA GLU A 38 -9.95 -12.73 -17.04
C GLU A 38 -9.62 -13.63 -15.83
N ILE A 39 -9.74 -13.03 -14.62
CA ILE A 39 -9.40 -13.55 -13.30
C ILE A 39 -10.46 -14.51 -12.71
N ASP A 40 -9.99 -15.65 -12.15
CA ASP A 40 -10.79 -16.68 -11.48
C ASP A 40 -10.45 -16.60 -9.99
N ILE A 41 -11.45 -16.25 -9.15
CA ILE A 41 -11.34 -16.04 -7.70
C ILE A 41 -10.72 -17.26 -6.94
N LEU A 42 -11.07 -18.51 -7.29
CA LEU A 42 -10.51 -19.70 -6.64
C LEU A 42 -9.00 -19.81 -6.85
N LYS A 43 -8.52 -19.55 -8.10
CA LYS A 43 -7.10 -19.58 -8.47
C LYS A 43 -6.34 -18.39 -7.87
N SER A 44 -7.01 -17.22 -7.74
CA SER A 44 -6.47 -15.98 -7.18
C SER A 44 -6.14 -16.15 -5.70
N LEU A 45 -7.05 -16.82 -4.95
CA LEU A 45 -6.92 -17.10 -3.52
C LEU A 45 -5.75 -18.05 -3.27
N LEU A 46 -5.55 -19.04 -4.14
CA LEU A 46 -4.42 -19.98 -4.05
C LEU A 46 -3.10 -19.23 -4.26
N VAL A 47 -3.00 -18.46 -5.38
CA VAL A 47 -1.84 -17.64 -5.76
C VAL A 47 -1.45 -16.66 -4.64
N PHE A 48 -2.41 -15.84 -4.16
CA PHE A 48 -2.19 -14.85 -3.11
C PHE A 48 -1.63 -15.47 -1.83
N PHE A 49 -2.23 -16.57 -1.36
CA PHE A 49 -1.82 -17.19 -0.12
C PHE A 49 -0.57 -18.07 -0.25
N VAL A 50 -0.33 -18.76 -1.40
CA VAL A 50 0.92 -19.54 -1.53
C VAL A 50 2.12 -18.59 -1.43
N VAL A 51 2.07 -17.43 -2.13
CA VAL A 51 3.11 -16.41 -2.10
C VAL A 51 3.23 -15.85 -0.67
N PHE A 52 2.08 -15.60 0.00
CA PHE A 52 2.01 -15.09 1.38
C PHE A 52 2.73 -15.98 2.39
N PHE A 53 2.48 -17.30 2.36
CA PHE A 53 3.10 -18.24 3.30
C PHE A 53 4.58 -18.56 2.98
N VAL A 54 4.96 -18.62 1.68
CA VAL A 54 6.36 -18.85 1.24
C VAL A 54 7.20 -17.62 1.65
N CYS A 55 6.61 -16.41 1.53
CA CYS A 55 7.22 -15.15 1.93
C CYS A 55 7.29 -15.07 3.46
N ALA A 56 6.22 -15.50 4.17
CA ALA A 56 6.14 -15.52 5.63
C ALA A 56 7.23 -16.43 6.21
N TYR A 57 7.41 -17.63 5.62
CA TYR A 57 8.43 -18.61 6.00
C TYR A 57 9.87 -18.03 5.88
N GLY A 58 10.12 -17.32 4.77
CA GLY A 58 11.40 -16.69 4.47
C GLY A 58 11.80 -15.63 5.49
N ASN A 59 10.83 -14.78 5.88
CA ASN A 59 11.04 -13.71 6.86
C ASN A 59 11.29 -14.29 8.25
N VAL A 60 10.58 -15.39 8.62
CA VAL A 60 10.74 -16.08 9.91
C VAL A 60 12.10 -16.81 9.94
N ILE A 61 12.46 -17.56 8.88
CA ILE A 61 13.73 -18.28 8.81
C ILE A 61 14.92 -17.31 8.81
N ASN A 62 14.71 -16.06 8.33
CA ASN A 62 15.72 -15.00 8.32
C ASN A 62 16.01 -14.54 9.75
N ASP A 63 14.95 -14.39 10.57
CA ASP A 63 15.02 -13.98 11.96
C ASP A 63 15.66 -15.02 12.88
N ILE A 64 15.46 -16.33 12.57
CA ILE A 64 16.00 -17.45 13.33
C ILE A 64 17.54 -17.47 13.25
N PHE A 65 18.09 -17.36 12.02
CA PHE A 65 19.52 -17.34 11.75
C PHE A 65 20.20 -16.02 12.16
N ASP A 66 19.41 -14.94 12.31
CA ASP A 66 19.91 -13.61 12.69
C ASP A 66 19.66 -13.21 14.15
N ILE A 67 19.18 -14.12 15.02
CA ILE A 67 18.88 -13.85 16.44
C ILE A 67 20.07 -13.18 17.19
N GLU A 68 21.31 -13.65 16.96
CA GLU A 68 22.52 -13.12 17.59
C GLU A 68 22.93 -11.77 17.00
N ILE A 69 22.80 -11.61 15.67
CA ILE A 69 23.13 -10.39 14.92
C ILE A 69 22.13 -9.27 15.29
N ASP A 70 20.83 -9.62 15.43
CA ASP A 70 19.75 -8.70 15.80
C ASP A 70 19.84 -8.22 17.24
N ARG A 71 20.53 -8.98 18.12
CA ARG A 71 20.75 -8.64 19.52
C ARG A 71 21.60 -7.37 19.64
N ILE A 72 22.43 -7.10 18.62
CA ILE A 72 23.29 -5.94 18.53
C ILE A 72 22.55 -4.86 17.71
N ASN A 73 22.31 -5.13 16.42
CA ASN A 73 21.62 -4.22 15.49
C ASN A 73 20.12 -4.51 15.51
N LYS A 74 19.30 -3.50 15.89
CA LYS A 74 17.83 -3.53 16.04
C LYS A 74 17.34 -4.67 17.01
N PRO A 75 17.50 -4.49 18.35
CA PRO A 75 17.06 -5.51 19.30
C PRO A 75 15.55 -5.49 19.63
N SER A 76 14.79 -4.60 18.95
CA SER A 76 13.33 -4.44 19.10
C SER A 76 12.51 -5.53 18.37
N ARG A 77 13.18 -6.37 17.55
CA ARG A 77 12.58 -7.46 16.79
C ARG A 77 11.98 -8.56 17.71
N PRO A 78 10.99 -9.39 17.25
CA PRO A 78 10.38 -10.39 18.15
C PRO A 78 11.32 -11.40 18.80
N LEU A 79 12.31 -11.93 18.08
CA LEU A 79 13.21 -12.95 18.62
C LEU A 79 14.26 -12.39 19.62
N PRO A 80 15.08 -11.34 19.32
CA PRO A 80 16.07 -10.88 20.32
C PRO A 80 15.48 -10.26 21.59
N SER A 81 14.25 -9.68 21.50
CA SER A 81 13.54 -9.06 22.62
C SER A 81 12.91 -10.07 23.60
N GLY A 82 12.85 -11.34 23.19
CA GLY A 82 12.30 -12.42 24.00
C GLY A 82 10.80 -12.56 23.95
N LYS A 83 10.14 -11.77 23.09
CA LYS A 83 8.68 -11.79 22.88
C LYS A 83 8.23 -13.14 22.32
N ILE A 84 9.08 -13.75 21.46
CA ILE A 84 8.90 -15.09 20.87
C ILE A 84 10.19 -15.88 21.14
N LYS A 85 10.06 -17.12 21.66
CA LYS A 85 11.17 -18.03 21.92
C LYS A 85 11.70 -18.58 20.58
N LEU A 86 13.00 -18.95 20.52
CA LEU A 86 13.62 -19.51 19.30
C LEU A 86 12.88 -20.76 18.79
N ASN A 87 12.45 -21.65 19.72
CA ASN A 87 11.72 -22.88 19.40
C ASN A 87 10.33 -22.58 18.84
N GLU A 88 9.63 -21.54 19.38
CA GLU A 88 8.29 -21.10 18.92
C GLU A 88 8.36 -20.65 17.46
N ALA A 89 9.45 -19.95 17.09
CA ALA A 89 9.72 -19.45 15.74
C ALA A 89 9.98 -20.59 14.75
N LYS A 90 10.82 -21.58 15.15
CA LYS A 90 11.19 -22.74 14.35
C LYS A 90 9.99 -23.63 13.98
N LYS A 91 9.05 -23.83 14.94
CA LYS A 91 7.82 -24.61 14.76
C LYS A 91 6.86 -23.85 13.84
N PHE A 92 6.83 -22.51 13.99
CA PHE A 92 6.01 -21.60 13.20
C PHE A 92 6.46 -21.59 11.73
N SER A 93 7.79 -21.51 11.46
CA SER A 93 8.34 -21.52 10.10
C SER A 93 8.06 -22.84 9.38
N ALA A 94 7.99 -23.96 10.15
CA ALA A 94 7.69 -25.30 9.63
C ALA A 94 6.23 -25.34 9.13
N ILE A 95 5.30 -24.81 9.96
CA ILE A 95 3.86 -24.71 9.70
C ILE A 95 3.56 -23.83 8.47
N LEU A 96 4.23 -22.66 8.37
CA LEU A 96 4.07 -21.72 7.25
C LEU A 96 4.54 -22.35 5.94
N LEU A 97 5.62 -23.17 6.01
CA LEU A 97 6.22 -23.88 4.89
C LEU A 97 5.30 -24.97 4.32
N ILE A 98 4.73 -25.81 5.22
CA ILE A 98 3.83 -26.90 4.83
C ILE A 98 2.57 -26.34 4.16
N LEU A 99 2.05 -25.22 4.70
CA LEU A 99 0.88 -24.50 4.19
C LEU A 99 1.11 -24.04 2.75
N GLY A 100 2.25 -23.37 2.51
CA GLY A 100 2.62 -22.91 1.18
C GLY A 100 2.80 -24.02 0.16
N LEU A 101 3.55 -25.07 0.53
CA LEU A 101 3.83 -26.21 -0.36
C LEU A 101 2.58 -27.03 -0.69
N VAL A 102 1.74 -27.35 0.32
CA VAL A 102 0.51 -28.12 0.13
C VAL A 102 -0.51 -27.34 -0.73
N LEU A 103 -0.65 -26.02 -0.48
CA LEU A 103 -1.54 -25.13 -1.25
C LEU A 103 -1.15 -25.07 -2.75
N SER A 104 0.18 -25.03 -3.06
CA SER A 104 0.70 -24.98 -4.43
C SER A 104 0.42 -26.25 -5.26
N LEU A 105 0.19 -27.41 -4.59
CA LEU A 105 -0.17 -28.68 -5.23
C LEU A 105 -1.53 -28.54 -5.97
N PHE A 106 -2.39 -27.64 -5.44
CA PHE A 106 -3.73 -27.35 -5.93
C PHE A 106 -3.72 -26.37 -7.09
N ILE A 107 -2.55 -25.84 -7.46
CA ILE A 107 -2.41 -24.97 -8.62
C ILE A 107 -1.97 -25.89 -9.78
N ASN A 108 -0.71 -26.43 -9.72
CA ASN A 108 -0.09 -27.35 -10.70
C ASN A 108 1.36 -27.75 -10.31
N ILE A 109 2.01 -28.58 -11.16
CA ILE A 109 3.39 -29.06 -10.96
C ILE A 109 4.43 -27.90 -10.97
N TYR A 110 4.22 -26.87 -11.85
CA TYR A 110 5.10 -25.70 -12.01
C TYR A 110 5.09 -24.83 -10.77
N ALA A 111 3.90 -24.67 -10.14
CA ALA A 111 3.74 -23.89 -8.92
C ALA A 111 4.47 -24.54 -7.74
N LEU A 112 4.39 -25.89 -7.60
CA LEU A 112 5.13 -26.62 -6.56
C LEU A 112 6.65 -26.46 -6.76
N ILE A 113 7.15 -26.61 -8.02
CA ILE A 113 8.57 -26.44 -8.36
C ILE A 113 9.06 -25.05 -7.90
N ILE A 114 8.33 -23.94 -8.26
CA ILE A 114 8.68 -22.57 -7.85
C ILE A 114 8.65 -22.48 -6.31
N ALA A 115 7.58 -23.03 -5.68
CA ALA A 115 7.43 -23.07 -4.22
C ALA A 115 8.62 -23.74 -3.51
N VAL A 116 9.06 -24.93 -3.99
CA VAL A 116 10.21 -25.68 -3.43
C VAL A 116 11.53 -24.91 -3.63
N ILE A 117 11.80 -24.44 -4.86
CA ILE A 117 13.00 -23.70 -5.24
C ILE A 117 13.12 -22.40 -4.41
N ASN A 118 12.01 -21.66 -4.22
CA ASN A 118 11.97 -20.45 -3.39
C ASN A 118 12.31 -20.79 -1.94
N ALA A 119 11.71 -21.89 -1.42
CA ALA A 119 11.90 -22.42 -0.06
C ALA A 119 13.35 -22.81 0.23
N LEU A 120 14.05 -23.42 -0.75
CA LEU A 120 15.45 -23.81 -0.57
C LEU A 120 16.35 -22.57 -0.58
N PHE A 121 16.13 -21.66 -1.58
CA PHE A 121 16.86 -20.40 -1.70
C PHE A 121 16.71 -19.50 -0.46
N LEU A 122 15.47 -19.40 0.10
CA LEU A 122 15.17 -18.60 1.29
C LEU A 122 15.93 -19.10 2.54
N TYR A 123 16.00 -20.43 2.71
CA TYR A 123 16.71 -21.06 3.83
C TYR A 123 18.21 -20.85 3.69
N LEU A 124 18.79 -21.18 2.52
CA LEU A 124 20.22 -21.05 2.24
C LEU A 124 20.73 -19.60 2.26
N TYR A 125 19.88 -18.63 1.83
CA TYR A 125 20.20 -17.20 1.83
C TYR A 125 20.31 -16.71 3.28
N ALA A 126 19.35 -17.09 4.14
CA ALA A 126 19.31 -16.76 5.57
C ALA A 126 20.47 -17.42 6.34
N LYS A 127 20.83 -18.66 5.94
CA LYS A 127 21.87 -19.48 6.54
C LYS A 127 23.29 -19.02 6.21
N LYS A 128 23.62 -18.80 4.90
CA LYS A 128 24.99 -18.45 4.52
C LYS A 128 25.15 -17.47 3.34
N TYR A 129 24.26 -17.49 2.34
CA TYR A 129 24.42 -16.68 1.13
C TYR A 129 24.06 -15.19 1.28
N LYS A 130 23.64 -14.75 2.48
CA LYS A 130 23.36 -13.32 2.72
C LYS A 130 24.70 -12.57 2.83
N LYS A 131 25.71 -13.20 3.46
CA LYS A 131 27.06 -12.65 3.64
C LYS A 131 27.93 -12.80 2.37
N TYR A 132 27.62 -13.80 1.52
CA TYR A 132 28.31 -14.09 0.27
C TYR A 132 27.49 -13.58 -0.92
N LYS A 133 27.70 -12.30 -1.25
CA LYS A 133 26.99 -11.57 -2.29
C LYS A 133 27.09 -12.21 -3.71
N PRO A 134 28.24 -12.74 -4.24
CA PRO A 134 28.22 -13.35 -5.58
C PRO A 134 27.02 -14.29 -5.87
N ILE A 135 26.58 -15.08 -4.86
CA ILE A 135 25.44 -15.99 -4.97
C ILE A 135 24.16 -15.31 -4.44
N GLY A 136 24.32 -14.50 -3.39
CA GLY A 136 23.24 -13.73 -2.78
C GLY A 136 22.53 -12.79 -3.72
N ASN A 137 23.31 -12.06 -4.57
CA ASN A 137 22.80 -11.12 -5.57
C ASN A 137 21.93 -11.82 -6.63
N PHE A 138 22.24 -13.09 -6.94
CA PHE A 138 21.45 -13.91 -7.85
C PHE A 138 20.11 -14.22 -7.15
N ILE A 139 20.17 -14.70 -5.88
CA ILE A 139 19.02 -15.09 -5.04
C ILE A 139 18.03 -13.92 -4.93
N ILE A 140 18.53 -12.70 -4.62
CA ILE A 140 17.73 -11.47 -4.52
C ILE A 140 16.97 -11.22 -5.83
N GLY A 141 17.65 -11.44 -6.96
CA GLY A 141 17.08 -11.28 -8.30
C GLY A 141 16.06 -12.34 -8.64
N TYR A 142 16.42 -13.62 -8.45
CA TYR A 142 15.54 -14.77 -8.72
C TYR A 142 14.24 -14.71 -7.93
N LEU A 143 14.32 -14.54 -6.58
CA LEU A 143 13.16 -14.48 -5.69
C LEU A 143 12.15 -13.37 -6.01
N THR A 144 12.65 -12.19 -6.44
CA THR A 144 11.80 -11.06 -6.82
C THR A 144 11.06 -11.36 -8.12
N GLY A 145 11.74 -11.98 -9.08
CA GLY A 145 11.18 -12.38 -10.35
C GLY A 145 10.20 -13.54 -10.26
N SER A 146 10.52 -14.53 -9.39
CA SER A 146 9.75 -15.75 -9.15
C SER A 146 8.32 -15.48 -8.68
N VAL A 147 8.13 -14.39 -7.92
CA VAL A 147 6.85 -13.90 -7.40
C VAL A 147 5.83 -13.72 -8.55
N PHE A 148 6.26 -13.08 -9.67
CA PHE A 148 5.47 -12.87 -10.87
C PHE A 148 5.20 -14.23 -11.54
N LEU A 149 6.30 -14.96 -11.92
CA LEU A 149 6.29 -16.30 -12.56
C LEU A 149 5.33 -17.29 -11.86
N PHE A 150 5.23 -17.19 -10.53
CA PHE A 150 4.34 -17.99 -9.71
C PHE A 150 2.88 -17.75 -10.09
N GLY A 151 2.48 -16.49 -10.20
CA GLY A 151 1.13 -16.11 -10.62
C GLY A 151 0.90 -16.44 -12.08
N GLY A 152 1.97 -16.31 -12.88
CA GLY A 152 1.98 -16.60 -14.30
C GLY A 152 1.65 -18.04 -14.63
N VAL A 153 2.34 -19.02 -13.98
CA VAL A 153 2.11 -20.46 -14.22
C VAL A 153 0.64 -20.89 -13.92
N ALA A 154 -0.15 -20.05 -13.19
CA ALA A 154 -1.56 -20.32 -12.88
C ALA A 154 -2.50 -19.93 -14.05
N GLY A 155 -2.07 -18.95 -14.85
CA GLY A 155 -2.81 -18.45 -16.02
C GLY A 155 -2.54 -19.23 -17.30
N LYS A 156 -3.28 -18.87 -18.38
CA LYS A 156 -3.22 -19.53 -19.69
C LYS A 156 -2.03 -19.13 -20.58
N ASN A 157 -1.58 -17.86 -20.51
CA ASN A 157 -0.46 -17.38 -21.32
C ASN A 157 0.71 -16.92 -20.44
N VAL A 158 1.62 -17.86 -20.09
CA VAL A 158 2.77 -17.64 -19.20
C VAL A 158 3.96 -16.93 -19.91
N MET A 159 4.08 -17.03 -21.26
CA MET A 159 5.17 -16.44 -22.04
C MET A 159 5.48 -14.94 -21.67
N PRO A 160 4.50 -13.99 -21.62
CA PRO A 160 4.85 -12.62 -21.22
C PRO A 160 5.38 -12.50 -19.77
N VAL A 161 4.90 -13.38 -18.87
CA VAL A 161 5.34 -13.42 -17.46
C VAL A 161 6.74 -14.06 -17.36
N VAL A 162 7.10 -14.98 -18.29
CA VAL A 162 8.43 -15.61 -18.37
C VAL A 162 9.48 -14.52 -18.68
N ILE A 163 9.18 -13.63 -19.65
CA ILE A 163 10.04 -12.51 -20.05
C ILE A 163 10.16 -11.51 -18.87
N LEU A 164 9.04 -11.24 -18.16
CA LEU A 164 9.01 -10.35 -16.99
C LEU A 164 9.91 -10.89 -15.87
N PHE A 165 9.85 -12.22 -15.62
CA PHE A 165 10.65 -12.94 -14.61
C PHE A 165 12.15 -12.89 -14.95
N LEU A 166 12.51 -13.17 -16.23
CA LEU A 166 13.88 -13.16 -16.75
C LEU A 166 14.49 -11.77 -16.68
N CYS A 167 13.72 -10.73 -17.08
CA CYS A 167 14.13 -9.32 -17.05
C CYS A 167 14.33 -8.79 -15.65
N SER A 168 13.43 -9.16 -14.70
CA SER A 168 13.51 -8.77 -13.29
C SER A 168 14.77 -9.38 -12.69
N LEU A 169 14.97 -10.72 -12.84
CA LEU A 169 16.13 -11.47 -12.35
C LEU A 169 17.43 -10.76 -12.77
N LEU A 170 17.64 -10.57 -14.09
CA LEU A 170 18.84 -9.96 -14.68
C LEU A 170 19.11 -8.53 -14.21
N SER A 171 18.10 -7.64 -14.30
CA SER A 171 18.22 -6.24 -13.90
C SER A 171 18.39 -6.04 -12.37
N ILE A 172 17.65 -6.83 -11.54
CA ILE A 172 17.75 -6.73 -10.07
C ILE A 172 19.12 -7.27 -9.62
N TRP A 173 19.59 -8.38 -10.23
CA TRP A 173 20.90 -8.97 -9.98
C TRP A 173 22.00 -7.93 -10.27
N GLY A 174 21.89 -7.26 -11.42
CA GLY A 174 22.80 -6.21 -11.84
C GLY A 174 22.87 -5.05 -10.87
N ARG A 175 21.68 -4.48 -10.51
CA ARG A 175 21.48 -3.37 -9.57
C ARG A 175 22.01 -3.70 -8.18
N GLU A 176 21.98 -4.99 -7.79
CA GLU A 176 22.49 -5.46 -6.51
C GLU A 176 24.02 -5.34 -6.45
N ILE A 177 24.72 -5.60 -7.58
CA ILE A 177 26.18 -5.45 -7.69
C ILE A 177 26.52 -3.95 -7.63
N VAL A 178 25.67 -3.10 -8.23
CA VAL A 178 25.81 -1.63 -8.24
C VAL A 178 25.71 -1.10 -6.80
N LYS A 179 24.73 -1.59 -6.01
CA LYS A 179 24.52 -1.26 -4.60
C LYS A 179 25.75 -1.68 -3.77
N ASP A 180 26.32 -2.86 -4.09
CA ASP A 180 27.50 -3.42 -3.42
C ASP A 180 28.78 -2.62 -3.66
N PHE A 181 28.86 -1.90 -4.81
CA PHE A 181 29.97 -1.02 -5.17
C PHE A 181 29.91 0.27 -4.33
N GLU A 182 28.68 0.71 -4.01
CA GLU A 182 28.38 1.89 -3.18
C GLU A 182 28.66 1.54 -1.69
N ASP A 183 28.25 0.33 -1.24
CA ASP A 183 28.43 -0.16 0.14
C ASP A 183 29.78 -0.90 0.36
N MET A 184 30.73 -0.79 -0.59
CA MET A 184 32.05 -1.43 -0.58
C MET A 184 32.85 -1.23 0.71
N GLU A 185 32.97 0.03 1.18
CA GLU A 185 33.69 0.40 2.40
C GLU A 185 33.08 -0.21 3.67
N GLY A 186 31.75 -0.19 3.77
CA GLY A 186 31.00 -0.74 4.89
C GLY A 186 31.03 -2.26 4.95
N ASP A 187 30.81 -2.92 3.79
CA ASP A 187 30.82 -4.38 3.65
C ASP A 187 32.18 -4.98 4.01
N LYS A 188 33.29 -4.33 3.55
CA LYS A 188 34.68 -4.74 3.79
C LYS A 188 35.01 -4.88 5.29
N LYS A 189 34.52 -3.92 6.12
CA LYS A 189 34.71 -3.91 7.58
C LYS A 189 33.56 -4.63 8.33
N GLU A 190 32.98 -5.66 7.69
CA GLU A 190 31.87 -6.48 8.20
C GLU A 190 32.02 -7.98 7.89
N GLY A 191 33.04 -8.33 7.09
CA GLY A 191 33.30 -9.71 6.69
C GLY A 191 32.32 -10.19 5.64
N VAL A 192 31.96 -9.30 4.71
CA VAL A 192 31.03 -9.55 3.60
C VAL A 192 31.84 -9.67 2.31
N ILE A 193 31.64 -10.78 1.58
CA ILE A 193 32.31 -11.05 0.30
C ILE A 193 31.35 -10.62 -0.83
N SER A 194 31.82 -9.73 -1.72
CA SER A 194 31.05 -9.23 -2.86
C SER A 194 31.93 -9.05 -4.10
N LEU A 195 31.32 -9.09 -5.30
CA LEU A 195 32.02 -8.90 -6.57
C LEU A 195 32.85 -7.60 -6.60
N PRO A 196 32.34 -6.40 -6.17
CA PRO A 196 33.20 -5.21 -6.16
C PRO A 196 34.36 -5.26 -5.15
N ILE A 197 34.29 -6.15 -4.13
CA ILE A 197 35.35 -6.32 -3.14
C ILE A 197 36.47 -7.19 -3.73
N LYS A 198 36.09 -8.27 -4.44
CA LYS A 198 37.00 -9.22 -5.09
C LYS A 198 37.59 -8.73 -6.43
N TYR A 199 36.87 -7.86 -7.17
CA TYR A 199 37.28 -7.44 -8.52
C TYR A 199 37.30 -5.92 -8.79
N GLY A 200 36.71 -5.12 -7.91
CA GLY A 200 36.69 -3.68 -8.05
C GLY A 200 35.76 -3.23 -9.16
N LYS A 201 36.25 -2.34 -10.04
CA LYS A 201 35.52 -1.76 -11.17
C LYS A 201 35.15 -2.78 -12.27
N LYS A 202 35.90 -3.91 -12.35
CA LYS A 202 35.67 -5.01 -13.31
C LYS A 202 34.25 -5.60 -13.19
N SER A 203 33.74 -5.70 -11.95
CA SER A 203 32.42 -6.23 -11.59
C SER A 203 31.27 -5.44 -12.24
N LEU A 204 31.47 -4.11 -12.43
CA LEU A 204 30.51 -3.20 -13.04
C LEU A 204 30.23 -3.50 -14.52
N TYR A 205 31.15 -4.27 -15.16
CA TYR A 205 31.00 -4.72 -16.55
C TYR A 205 30.05 -5.91 -16.59
N PHE A 206 30.07 -6.75 -15.53
CA PHE A 206 29.17 -7.89 -15.36
C PHE A 206 27.77 -7.37 -15.04
N ALA A 207 27.67 -6.29 -14.22
CA ALA A 207 26.41 -5.61 -13.88
C ALA A 207 25.81 -5.01 -15.16
N THR A 208 26.66 -4.45 -16.06
CA THR A 208 26.29 -3.87 -17.35
C THR A 208 25.77 -4.99 -18.27
N PHE A 209 26.51 -6.12 -18.33
CA PHE A 209 26.17 -7.31 -19.12
C PHE A 209 24.78 -7.87 -18.78
N LEU A 210 24.44 -7.96 -17.47
CA LEU A 210 23.15 -8.43 -16.99
C LEU A 210 22.02 -7.47 -17.40
N VAL A 211 22.27 -6.14 -17.30
CA VAL A 211 21.33 -5.09 -17.71
C VAL A 211 21.11 -5.16 -19.24
N VAL A 212 22.20 -5.31 -20.02
CA VAL A 212 22.19 -5.42 -21.49
C VAL A 212 21.36 -6.63 -21.95
N LEU A 213 21.58 -7.80 -21.32
CA LEU A 213 20.85 -9.05 -21.60
C LEU A 213 19.35 -8.89 -21.32
N ALA A 214 18.99 -8.14 -20.26
CA ALA A 214 17.60 -7.87 -19.91
C ALA A 214 16.95 -6.99 -21.00
N VAL A 215 17.73 -6.02 -21.54
CA VAL A 215 17.32 -5.08 -22.59
C VAL A 215 17.05 -5.83 -23.93
N ILE A 216 17.84 -6.88 -24.25
CA ILE A 216 17.68 -7.70 -25.46
C ILE A 216 16.37 -8.51 -25.41
N LEU A 217 15.99 -9.03 -24.22
CA LEU A 217 14.79 -9.81 -24.00
C LEU A 217 13.52 -8.95 -23.90
N SER A 218 13.64 -7.68 -23.48
CA SER A 218 12.50 -6.78 -23.29
C SER A 218 11.59 -6.58 -24.54
N PRO A 219 12.03 -6.43 -25.81
CA PRO A 219 11.04 -6.25 -26.89
C PRO A 219 10.29 -7.53 -27.32
N LEU A 220 10.60 -8.70 -26.73
CA LEU A 220 10.02 -10.00 -27.09
C LEU A 220 8.47 -10.06 -26.99
N PRO A 221 7.76 -9.57 -25.92
CA PRO A 221 6.28 -9.59 -25.96
C PRO A 221 5.68 -8.90 -27.18
N TYR A 222 6.35 -7.84 -27.70
CA TYR A 222 5.92 -7.15 -28.91
C TYR A 222 6.21 -8.01 -30.14
N ILE A 223 7.47 -8.49 -30.30
CA ILE A 223 7.93 -9.31 -31.44
C ILE A 223 7.07 -10.59 -31.58
N LEU A 224 6.74 -11.23 -30.44
CA LEU A 224 5.92 -12.44 -30.41
C LEU A 224 4.41 -12.17 -30.60
N LYS A 225 4.03 -10.90 -30.87
CA LYS A 225 2.66 -10.39 -31.11
C LYS A 225 1.73 -10.56 -29.90
N ILE A 226 2.30 -10.53 -28.67
CA ILE A 226 1.52 -10.65 -27.44
C ILE A 226 1.03 -9.27 -27.01
N PHE A 227 1.96 -8.30 -26.87
CA PHE A 227 1.69 -6.90 -26.49
C PHE A 227 1.85 -5.97 -27.71
N GLY A 228 1.19 -4.82 -27.68
CA GLY A 228 1.19 -3.86 -28.78
C GLY A 228 2.10 -2.66 -28.66
N ILE A 229 1.64 -1.54 -29.23
CA ILE A 229 2.34 -0.26 -29.34
C ILE A 229 2.72 0.40 -27.99
N TRP A 230 1.79 0.51 -27.02
CA TRP A 230 2.03 1.17 -25.72
C TRP A 230 3.15 0.52 -24.93
N TYR A 231 3.28 -0.82 -25.02
CA TYR A 231 4.35 -1.60 -24.41
C TYR A 231 5.66 -1.22 -25.11
N LEU A 232 5.69 -1.31 -26.47
CA LEU A 232 6.85 -1.00 -27.33
C LEU A 232 7.44 0.39 -27.10
N ILE A 233 6.58 1.41 -26.90
CA ILE A 233 7.01 2.79 -26.66
C ILE A 233 7.60 2.94 -25.24
N LEU A 234 6.89 2.40 -24.22
CA LEU A 234 7.32 2.44 -22.82
C LEU A 234 8.62 1.66 -22.60
N ILE A 235 8.76 0.51 -23.28
CA ILE A 235 9.95 -0.33 -23.24
C ILE A 235 11.14 0.38 -23.91
N ALA A 236 10.92 1.04 -25.07
CA ALA A 236 11.95 1.77 -25.82
C ALA A 236 12.63 2.85 -24.97
N ILE A 237 11.85 3.75 -24.33
CA ILE A 237 12.36 4.83 -23.46
C ILE A 237 13.22 4.22 -22.34
N CYS A 238 12.67 3.17 -21.68
CA CYS A 238 13.29 2.46 -20.57
C CYS A 238 14.57 1.70 -20.95
N ASP A 239 14.60 1.08 -22.14
CA ASP A 239 15.77 0.34 -22.62
C ASP A 239 16.95 1.27 -22.87
N ILE A 240 16.68 2.44 -23.51
CA ILE A 240 17.67 3.48 -23.82
C ILE A 240 18.20 4.11 -22.50
N LEU A 241 17.30 4.36 -21.53
CA LEU A 241 17.66 4.93 -20.23
C LEU A 241 18.50 3.99 -19.38
N PHE A 242 18.28 2.66 -19.53
CA PHE A 242 19.02 1.62 -18.84
C PHE A 242 20.48 1.60 -19.33
N ILE A 243 20.68 1.54 -20.66
CA ILE A 243 21.99 1.54 -21.32
C ILE A 243 22.75 2.85 -21.01
N TYR A 244 22.03 3.99 -20.90
CA TYR A 244 22.62 5.28 -20.54
C TYR A 244 23.10 5.30 -19.08
N ALA A 245 22.25 4.78 -18.15
CA ALA A 245 22.53 4.70 -16.71
C ALA A 245 23.81 3.91 -16.43
N MET A 246 23.99 2.76 -17.11
CA MET A 246 25.18 1.92 -16.92
C MET A 246 26.40 2.57 -17.55
N ALA A 247 26.21 3.25 -18.71
CA ALA A 247 27.27 3.97 -19.42
C ALA A 247 27.85 5.07 -18.54
N LEU A 248 26.99 5.78 -17.75
CA LEU A 248 27.43 6.84 -16.83
C LEU A 248 28.30 6.26 -15.70
N LEU A 249 27.85 5.13 -15.12
CA LEU A 249 28.54 4.41 -14.06
C LEU A 249 29.90 3.88 -14.50
N LEU A 250 29.99 3.37 -15.75
CA LEU A 250 31.26 2.88 -16.29
C LEU A 250 32.25 4.02 -16.55
N LYS A 251 31.73 5.22 -16.90
CA LYS A 251 32.52 6.43 -17.15
C LYS A 251 32.98 7.08 -15.83
N GLU A 252 32.10 7.08 -14.82
CA GLU A 252 32.37 7.62 -13.48
C GLU A 252 32.19 6.48 -12.43
N PRO A 253 33.14 5.51 -12.31
CA PRO A 253 32.93 4.43 -11.34
C PRO A 253 33.28 4.80 -9.92
N ASN A 254 32.41 5.59 -9.28
CA ASN A 254 32.56 6.03 -7.89
C ASN A 254 31.30 5.74 -7.05
N LYS A 255 31.38 5.95 -5.72
CA LYS A 255 30.30 5.72 -4.76
C LYS A 255 29.10 6.65 -5.02
N GLU A 256 29.38 7.93 -5.33
CA GLU A 256 28.38 8.98 -5.61
C GLU A 256 27.49 8.59 -6.81
N THR A 257 28.13 8.22 -7.95
CA THR A 257 27.47 7.80 -9.18
C THR A 257 26.70 6.49 -8.97
N ALA A 258 27.31 5.50 -8.27
CA ALA A 258 26.69 4.21 -7.96
C ALA A 258 25.38 4.38 -7.19
N SER A 259 25.37 5.31 -6.21
CA SER A 259 24.23 5.67 -5.37
C SER A 259 23.11 6.25 -6.24
N LYS A 260 23.45 7.18 -7.14
CA LYS A 260 22.53 7.85 -8.07
C LYS A 260 21.94 6.87 -9.09
N VAL A 261 22.80 6.04 -9.75
CA VAL A 261 22.39 5.04 -10.74
C VAL A 261 21.46 4.00 -10.08
N SER A 262 21.75 3.60 -8.81
CA SER A 262 20.91 2.68 -8.03
C SER A 262 19.46 3.21 -7.86
N LYS A 263 19.31 4.54 -7.65
CA LYS A 263 18.02 5.22 -7.47
C LYS A 263 17.26 5.28 -8.79
N PHE A 264 17.98 5.57 -9.88
CA PHE A 264 17.42 5.66 -11.23
C PHE A 264 16.88 4.33 -11.72
N LEU A 265 17.66 3.24 -11.56
CA LEU A 265 17.28 1.89 -11.98
C LEU A 265 16.02 1.39 -11.29
N LYS A 266 15.82 1.73 -10.00
CA LYS A 266 14.61 1.34 -9.26
C LYS A 266 13.35 1.97 -9.88
N ILE A 267 13.42 3.27 -10.28
CA ILE A 267 12.33 4.02 -10.93
C ILE A 267 11.97 3.37 -12.29
N ILE A 268 13.01 3.13 -13.12
CA ILE A 268 12.87 2.53 -14.46
C ILE A 268 12.22 1.13 -14.38
N MET A 269 12.65 0.31 -13.40
CA MET A 269 12.10 -1.03 -13.14
C MET A 269 10.59 -0.96 -12.86
N ASN A 270 10.13 0.09 -12.16
CA ASN A 270 8.71 0.33 -11.86
C ASN A 270 7.91 0.76 -13.09
N ILE A 271 8.54 1.47 -14.06
CA ILE A 271 7.89 1.88 -15.32
C ILE A 271 7.76 0.64 -16.24
N VAL A 272 8.77 -0.25 -16.22
CA VAL A 272 8.78 -1.51 -16.98
C VAL A 272 7.64 -2.41 -16.46
N LEU A 273 7.43 -2.43 -15.12
CA LEU A 273 6.32 -3.18 -14.52
C LEU A 273 4.99 -2.60 -14.99
N LEU A 274 4.88 -1.24 -15.04
CA LEU A 274 3.69 -0.54 -15.53
C LEU A 274 3.42 -0.89 -16.99
N ALA A 275 4.49 -0.95 -17.84
CA ALA A 275 4.41 -1.30 -19.27
C ALA A 275 3.84 -2.71 -19.49
N PHE A 276 4.19 -3.67 -18.59
CA PHE A 276 3.68 -5.04 -18.64
C PHE A 276 2.21 -5.08 -18.24
N ILE A 277 1.80 -4.29 -17.22
CA ILE A 277 0.41 -4.18 -16.76
C ILE A 277 -0.45 -3.56 -17.89
N VAL A 278 0.03 -2.44 -18.49
CA VAL A 278 -0.58 -1.68 -19.60
C VAL A 278 -0.75 -2.59 -20.85
N GLY A 279 0.29 -3.38 -21.14
CA GLY A 279 0.30 -4.34 -22.24
C GLY A 279 -0.70 -5.46 -22.03
N ALA A 280 -0.87 -5.89 -20.76
CA ALA A 280 -1.81 -6.93 -20.34
C ALA A 280 -3.26 -6.49 -20.52
N ILE A 281 -3.55 -5.17 -20.37
CA ILE A 281 -4.90 -4.62 -20.58
C ILE A 281 -5.17 -4.69 -22.10
N LYS A 282 -5.75 -5.84 -22.49
CA LYS A 282 -6.06 -6.24 -23.87
C LYS A 282 -7.55 -6.64 -23.92
N LEU A 283 -8.42 -5.77 -23.39
CA LEU A 283 -9.87 -5.95 -23.30
C LEU A 283 -10.62 -4.62 -23.19
N PHE B 4 15.80 18.84 -11.37
CA PHE B 4 14.41 19.17 -11.02
C PHE B 4 13.64 17.98 -10.42
N MET B 5 14.37 17.00 -9.84
CA MET B 5 13.79 15.82 -9.20
C MET B 5 13.78 15.96 -7.68
N GLU B 6 14.57 16.91 -7.13
CA GLU B 6 14.57 17.24 -5.70
C GLU B 6 13.31 18.08 -5.48
N LYS B 7 12.93 18.92 -6.48
CA LYS B 7 11.74 19.77 -6.47
C LYS B 7 10.47 18.91 -6.59
N LEU B 8 10.47 17.91 -7.51
CA LEU B 8 9.34 16.99 -7.69
C LEU B 8 9.09 16.21 -6.40
N LYS B 9 10.17 15.78 -5.71
CA LYS B 9 10.11 15.07 -4.43
C LYS B 9 9.52 16.01 -3.36
N THR B 10 9.82 17.32 -3.43
CA THR B 10 9.30 18.33 -2.50
C THR B 10 7.79 18.57 -2.74
N TYR B 11 7.37 18.63 -4.02
CA TYR B 11 5.96 18.82 -4.38
C TYR B 11 5.11 17.60 -4.04
N LEU B 12 5.69 16.37 -4.12
CA LEU B 12 5.01 15.12 -3.77
C LEU B 12 4.87 15.00 -2.25
N GLU B 13 5.83 15.60 -1.50
CA GLU B 13 5.87 15.67 -0.04
C GLU B 13 4.80 16.66 0.46
N LEU B 14 4.58 17.75 -0.30
CA LEU B 14 3.58 18.78 0.00
C LEU B 14 2.15 18.19 -0.14
N ILE B 15 1.84 17.54 -1.30
CA ILE B 15 0.53 16.89 -1.56
C ILE B 15 0.30 15.62 -0.71
N ARG B 16 1.39 15.00 -0.19
CA ARG B 16 1.40 13.74 0.57
C ARG B 16 0.81 12.67 -0.37
N VAL B 17 1.60 12.32 -1.41
CA VAL B 17 1.24 11.42 -2.52
C VAL B 17 0.70 10.04 -2.03
N LYS B 18 1.21 9.51 -0.90
CA LYS B 18 0.75 8.23 -0.34
C LYS B 18 -0.72 8.34 0.10
N ASN B 19 -1.06 9.40 0.88
CA ASN B 19 -2.40 9.67 1.37
C ASN B 19 -3.43 9.82 0.23
N CYS B 20 -3.02 10.50 -0.88
CA CYS B 20 -3.84 10.74 -2.07
C CYS B 20 -4.18 9.43 -2.79
N ILE B 21 -3.17 8.54 -2.98
CA ILE B 21 -3.33 7.23 -3.62
C ILE B 21 -4.25 6.36 -2.77
N THR B 22 -4.15 6.47 -1.42
CA THR B 22 -5.00 5.76 -0.45
C THR B 22 -6.47 6.18 -0.65
N ALA B 23 -6.71 7.51 -0.75
CA ALA B 23 -8.03 8.10 -0.95
C ALA B 23 -8.58 7.73 -2.34
N SER B 24 -7.72 7.76 -3.36
CA SER B 24 -8.07 7.42 -4.74
C SER B 24 -8.50 5.97 -4.87
N ILE B 25 -7.80 5.03 -4.17
CA ILE B 25 -8.14 3.61 -4.10
C ILE B 25 -9.54 3.46 -3.47
N GLY B 26 -9.80 4.23 -2.41
CA GLY B 26 -11.11 4.30 -1.74
C GLY B 26 -12.21 4.68 -2.71
N GLY B 27 -11.88 5.62 -3.63
CA GLY B 27 -12.77 6.08 -4.69
C GLY B 27 -13.05 5.01 -5.73
N ILE B 28 -12.04 4.20 -6.00
CA ILE B 28 -12.19 3.08 -6.96
C ILE B 28 -13.06 2.02 -6.27
N ILE B 29 -12.77 1.69 -5.01
CA ILE B 29 -13.52 0.71 -4.19
C ILE B 29 -15.01 1.00 -4.32
N GLY B 30 -15.40 2.28 -4.14
CA GLY B 30 -16.76 2.76 -4.25
C GLY B 30 -17.35 2.54 -5.64
N TYR B 31 -16.52 2.73 -6.69
CA TYR B 31 -16.92 2.54 -8.09
C TYR B 31 -17.11 1.05 -8.43
N LEU B 32 -16.24 0.17 -7.86
CA LEU B 32 -16.31 -1.28 -8.05
C LEU B 32 -17.63 -1.84 -7.50
N ILE B 33 -18.03 -1.42 -6.27
CA ILE B 33 -19.27 -1.81 -5.59
C ILE B 33 -20.51 -1.36 -6.42
N SER B 34 -20.49 -0.11 -6.92
CA SER B 34 -21.57 0.51 -7.70
C SER B 34 -21.80 -0.12 -9.07
N SER B 35 -20.70 -0.50 -9.75
CA SER B 35 -20.73 -1.13 -11.09
C SER B 35 -20.77 -2.68 -11.01
N ASN B 36 -20.72 -3.25 -9.76
CA ASN B 36 -20.71 -4.69 -9.45
C ASN B 36 -19.51 -5.40 -10.10
N PHE B 37 -18.33 -4.73 -10.01
CA PHE B 37 -17.00 -5.10 -10.54
C PHE B 37 -16.92 -5.02 -12.08
N GLU B 38 -18.04 -4.66 -12.78
CA GLU B 38 -18.08 -4.46 -14.24
C GLU B 38 -17.54 -3.03 -14.48
N ILE B 39 -16.21 -2.90 -14.33
CA ILE B 39 -15.41 -1.66 -14.38
C ILE B 39 -15.11 -1.16 -15.82
N ASP B 40 -15.28 0.16 -16.04
CA ASP B 40 -15.00 0.86 -17.29
C ASP B 40 -13.77 1.75 -17.04
N ILE B 41 -12.66 1.47 -17.76
CA ILE B 41 -11.36 2.13 -17.62
C ILE B 41 -11.43 3.69 -17.76
N LEU B 42 -12.24 4.22 -18.70
CA LEU B 42 -12.37 5.67 -18.88
C LEU B 42 -12.96 6.35 -17.64
N LYS B 43 -14.01 5.74 -17.03
CA LYS B 43 -14.68 6.24 -15.82
C LYS B 43 -13.80 6.05 -14.58
N SER B 44 -12.99 4.97 -14.55
CA SER B 44 -12.05 4.64 -13.47
C SER B 44 -10.95 5.69 -13.36
N LEU B 45 -10.42 6.13 -14.53
CA LEU B 45 -9.35 7.15 -14.62
C LEU B 45 -9.86 8.51 -14.14
N LEU B 46 -11.13 8.84 -14.44
CA LEU B 46 -11.74 10.09 -13.97
C LEU B 46 -11.89 10.06 -12.44
N VAL B 47 -12.49 8.97 -11.89
CA VAL B 47 -12.71 8.73 -10.47
C VAL B 47 -11.40 8.79 -9.68
N PHE B 48 -10.38 8.02 -10.10
CA PHE B 48 -9.07 7.96 -9.45
C PHE B 48 -8.41 9.33 -9.36
N PHE B 49 -8.37 10.09 -10.47
CA PHE B 49 -7.71 11.38 -10.50
C PHE B 49 -8.53 12.52 -9.89
N VAL B 50 -9.89 12.51 -9.98
CA VAL B 50 -10.66 13.59 -9.32
C VAL B 50 -10.40 13.53 -7.81
N VAL B 51 -10.45 12.30 -7.21
CA VAL B 51 -10.18 12.08 -5.79
C VAL B 51 -8.73 12.48 -5.48
N PHE B 52 -7.78 12.12 -6.36
CA PHE B 52 -6.35 12.45 -6.22
C PHE B 52 -6.08 13.95 -6.12
N PHE B 53 -6.66 14.76 -7.02
CA PHE B 53 -6.45 16.21 -7.03
C PHE B 53 -7.22 16.96 -5.93
N VAL B 54 -8.44 16.51 -5.56
CA VAL B 54 -9.26 17.09 -4.47
C VAL B 54 -8.52 16.83 -3.14
N CYS B 55 -7.92 15.62 -3.00
CA CYS B 55 -7.13 15.21 -1.84
C CYS B 55 -5.81 15.99 -1.81
N ALA B 56 -5.16 16.16 -3.00
CA ALA B 56 -3.91 16.91 -3.16
C ALA B 56 -4.10 18.38 -2.73
N TYR B 57 -5.21 19.01 -3.17
CA TYR B 57 -5.60 20.38 -2.83
C TYR B 57 -5.75 20.57 -1.30
N GLY B 58 -6.42 19.60 -0.65
CA GLY B 58 -6.68 19.59 0.78
C GLY B 58 -5.41 19.55 1.61
N ASN B 59 -4.44 18.70 1.22
CA ASN B 59 -3.16 18.55 1.89
C ASN B 59 -2.30 19.82 1.73
N VAL B 60 -2.35 20.45 0.54
CA VAL B 60 -1.62 21.71 0.25
C VAL B 60 -2.25 22.87 1.03
N ILE B 61 -3.58 23.02 0.99
CA ILE B 61 -4.29 24.08 1.71
C ILE B 61 -4.11 23.96 3.24
N ASN B 62 -3.87 22.71 3.74
CA ASN B 62 -3.61 22.42 5.14
C ASN B 62 -2.24 22.98 5.54
N ASP B 63 -1.23 22.81 4.67
CA ASP B 63 0.14 23.27 4.88
C ASP B 63 0.27 24.80 4.81
N ILE B 64 -0.56 25.47 3.99
CA ILE B 64 -0.58 26.93 3.83
C ILE B 64 -1.02 27.61 5.15
N PHE B 65 -2.14 27.15 5.73
CA PHE B 65 -2.70 27.66 6.98
C PHE B 65 -1.87 27.25 8.22
N ASP B 66 -1.04 26.19 8.10
CA ASP B 66 -0.21 25.67 9.19
C ASP B 66 1.29 26.06 9.10
N ILE B 67 1.70 26.94 8.16
CA ILE B 67 3.10 27.35 7.96
C ILE B 67 3.78 27.84 9.27
N GLU B 68 3.06 28.63 10.10
CA GLU B 68 3.57 29.16 11.37
C GLU B 68 3.62 28.08 12.46
N ILE B 69 2.60 27.20 12.51
CA ILE B 69 2.48 26.10 13.46
C ILE B 69 3.56 25.03 13.18
N ASP B 70 3.83 24.75 11.89
CA ASP B 70 4.84 23.78 11.41
C ASP B 70 6.26 24.26 11.65
N ARG B 71 6.47 25.58 11.79
CA ARG B 71 7.77 26.19 12.07
C ARG B 71 8.29 25.77 13.45
N ILE B 72 7.36 25.43 14.36
CA ILE B 72 7.65 24.96 15.71
C ILE B 72 7.65 23.43 15.69
N ASN B 73 6.48 22.81 15.42
CA ASN B 73 6.30 21.35 15.36
C ASN B 73 6.53 20.86 13.93
N LYS B 74 7.54 19.98 13.74
CA LYS B 74 8.02 19.39 12.47
C LYS B 74 8.37 20.48 11.40
N PRO B 75 9.56 21.14 11.55
CA PRO B 75 9.98 22.16 10.58
C PRO B 75 10.63 21.61 9.29
N SER B 76 10.66 20.28 9.14
CA SER B 76 11.21 19.56 7.98
C SER B 76 10.25 19.53 6.77
N ARG B 77 9.00 20.01 6.95
CA ARG B 77 7.94 20.08 5.94
C ARG B 77 8.31 21.07 4.78
N PRO B 78 7.74 20.93 3.54
CA PRO B 78 8.14 21.82 2.42
C PRO B 78 8.01 23.32 2.63
N LEU B 79 6.93 23.78 3.27
CA LEU B 79 6.71 25.21 3.47
C LEU B 79 7.57 25.84 4.59
N PRO B 80 7.64 25.33 5.85
CA PRO B 80 8.47 26.01 6.86
C PRO B 80 9.99 25.96 6.61
N SER B 81 10.47 24.94 5.87
CA SER B 81 11.89 24.76 5.51
C SER B 81 12.36 25.69 4.39
N GLY B 82 11.42 26.34 3.71
CA GLY B 82 11.71 27.27 2.62
C GLY B 82 11.96 26.63 1.27
N LYS B 83 11.76 25.29 1.18
CA LYS B 83 11.92 24.51 -0.06
C LYS B 83 10.89 24.96 -1.11
N ILE B 84 9.68 25.32 -0.65
CA ILE B 84 8.59 25.87 -1.46
C ILE B 84 8.13 27.18 -0.79
N LYS B 85 8.03 28.28 -1.57
CA LYS B 85 7.57 29.58 -1.10
C LYS B 85 6.06 29.51 -0.86
N LEU B 86 5.53 30.36 0.07
CA LEU B 86 4.09 30.41 0.38
C LEU B 86 3.23 30.69 -0.87
N ASN B 87 3.68 31.61 -1.75
CA ASN B 87 3.01 31.97 -2.99
C ASN B 87 2.99 30.81 -3.99
N GLU B 88 4.11 30.03 -4.09
CA GLU B 88 4.24 28.86 -4.97
C GLU B 88 3.20 27.80 -4.60
N ALA B 89 2.95 27.63 -3.28
CA ALA B 89 1.98 26.69 -2.71
C ALA B 89 0.54 27.11 -3.02
N LYS B 90 0.23 28.40 -2.85
CA LYS B 90 -1.10 28.99 -3.08
C LYS B 90 -1.55 28.87 -4.54
N LYS B 91 -0.62 29.07 -5.50
CA LYS B 91 -0.85 28.96 -6.95
C LYS B 91 -1.04 27.48 -7.32
N PHE B 92 -0.27 26.59 -6.67
CA PHE B 92 -0.32 25.14 -6.84
C PHE B 92 -1.67 24.58 -6.37
N SER B 93 -2.17 25.01 -5.17
CA SER B 93 -3.46 24.55 -4.65
C SER B 93 -4.63 25.00 -5.53
N ALA B 94 -4.49 26.16 -6.21
CA ALA B 94 -5.49 26.70 -7.14
C ALA B 94 -5.59 25.79 -8.37
N ILE B 95 -4.41 25.40 -8.93
CA ILE B 95 -4.25 24.52 -10.10
C ILE B 95 -4.81 23.11 -9.82
N LEU B 96 -4.50 22.54 -8.65
CA LEU B 96 -4.97 21.20 -8.23
C LEU B 96 -6.49 21.20 -8.09
N LEU B 97 -7.08 22.32 -7.60
CA LEU B 97 -8.50 22.51 -7.39
C LEU B 97 -9.27 22.57 -8.72
N ILE B 98 -8.78 23.37 -9.69
CA ILE B 98 -9.42 23.53 -11.00
C ILE B 98 -9.42 22.18 -11.74
N LEU B 99 -8.30 21.43 -11.64
CA LEU B 99 -8.13 20.10 -12.24
C LEU B 99 -9.18 19.12 -11.72
N GLY B 100 -9.35 19.06 -10.40
CA GLY B 100 -10.34 18.19 -9.75
C GLY B 100 -11.77 18.53 -10.13
N LEU B 101 -12.14 19.84 -10.06
CA LEU B 101 -13.49 20.31 -10.36
C LEU B 101 -13.86 20.13 -11.84
N VAL B 102 -12.96 20.51 -12.78
CA VAL B 102 -13.19 20.38 -14.21
C VAL B 102 -13.31 18.90 -14.63
N LEU B 103 -12.44 18.02 -14.09
CA LEU B 103 -12.47 16.58 -14.34
C LEU B 103 -13.81 15.92 -13.90
N SER B 104 -14.37 16.36 -12.73
CA SER B 104 -15.63 15.84 -12.18
C SER B 104 -16.87 16.18 -13.04
N LEU B 105 -16.79 17.26 -13.89
CA LEU B 105 -17.85 17.65 -14.83
C LEU B 105 -18.08 16.54 -15.86
N PHE B 106 -17.00 15.78 -16.17
CA PHE B 106 -16.98 14.67 -17.12
C PHE B 106 -17.50 13.38 -16.56
N ILE B 107 -17.85 13.36 -15.26
CA ILE B 107 -18.46 12.20 -14.64
C ILE B 107 -19.97 12.45 -14.69
N ASN B 108 -20.48 13.44 -13.90
CA ASN B 108 -21.89 13.88 -13.80
C ASN B 108 -22.08 15.05 -12.78
N ILE B 109 -23.34 15.51 -12.63
CA ILE B 109 -23.73 16.57 -11.71
C ILE B 109 -23.44 16.24 -10.22
N TYR B 110 -23.65 14.95 -9.81
CA TYR B 110 -23.46 14.44 -8.45
C TYR B 110 -21.99 14.46 -8.06
N ALA B 111 -21.10 14.13 -9.02
CA ALA B 111 -19.64 14.14 -8.82
C ALA B 111 -19.15 15.56 -8.56
N LEU B 112 -19.62 16.55 -9.35
CA LEU B 112 -19.25 17.96 -9.15
C LEU B 112 -19.71 18.45 -7.77
N ILE B 113 -20.97 18.13 -7.36
CA ILE B 113 -21.52 18.49 -6.05
C ILE B 113 -20.59 17.97 -4.92
N ILE B 114 -20.22 16.65 -4.95
CA ILE B 114 -19.30 16.06 -3.95
C ILE B 114 -17.94 16.77 -4.02
N ALA B 115 -17.40 17.01 -5.24
CA ALA B 115 -16.14 17.74 -5.47
C ALA B 115 -16.14 19.13 -4.83
N VAL B 116 -17.22 19.94 -5.04
CA VAL B 116 -17.37 21.30 -4.49
C VAL B 116 -17.48 21.26 -2.96
N ILE B 117 -18.38 20.41 -2.43
CA ILE B 117 -18.62 20.25 -1.00
C ILE B 117 -17.33 19.82 -0.25
N ASN B 118 -16.56 18.87 -0.83
CA ASN B 118 -15.29 18.42 -0.28
C ASN B 118 -14.29 19.58 -0.24
N ALA B 119 -14.22 20.35 -1.35
CA ALA B 119 -13.35 21.52 -1.52
C ALA B 119 -13.64 22.63 -0.50
N LEU B 120 -14.91 22.89 -0.19
CA LEU B 120 -15.28 23.90 0.81
C LEU B 120 -14.91 23.42 2.22
N PHE B 121 -15.28 22.16 2.56
CA PHE B 121 -14.97 21.54 3.85
C PHE B 121 -13.45 21.49 4.11
N LEU B 122 -12.64 21.11 3.09
CA LEU B 122 -11.18 21.03 3.18
C LEU B 122 -10.53 22.39 3.49
N TYR B 123 -11.02 23.46 2.85
CA TYR B 123 -10.53 24.83 3.08
C TYR B 123 -10.90 25.32 4.48
N LEU B 124 -12.20 25.20 4.87
CA LEU B 124 -12.69 25.62 6.18
C LEU B 124 -12.12 24.84 7.35
N TYR B 125 -11.83 23.52 7.15
CA TYR B 125 -11.23 22.66 8.17
C TYR B 125 -9.78 23.11 8.44
N ALA B 126 -9.00 23.39 7.37
CA ALA B 126 -7.63 23.89 7.43
C ALA B 126 -7.56 25.30 8.04
N LYS B 127 -8.56 26.14 7.72
CA LYS B 127 -8.67 27.53 8.16
C LYS B 127 -9.08 27.68 9.64
N LYS B 128 -10.15 27.00 10.09
CA LYS B 128 -10.63 27.19 11.47
C LYS B 128 -11.23 25.95 12.18
N TYR B 129 -11.88 25.02 11.45
CA TYR B 129 -12.57 23.89 12.08
C TYR B 129 -11.65 22.73 12.53
N LYS B 130 -10.33 22.85 12.34
CA LYS B 130 -9.38 21.84 12.83
C LYS B 130 -9.25 21.97 14.36
N LYS B 131 -9.25 23.23 14.86
CA LYS B 131 -9.16 23.58 16.28
C LYS B 131 -10.52 23.45 17.02
N TYR B 132 -11.63 23.52 16.27
CA TYR B 132 -13.00 23.41 16.78
C TYR B 132 -13.59 22.04 16.41
N LYS B 133 -13.33 21.06 17.29
CA LYS B 133 -13.72 19.65 17.13
C LYS B 133 -15.25 19.40 16.95
N PRO B 134 -16.22 20.04 17.68
CA PRO B 134 -17.65 19.77 17.39
C PRO B 134 -18.05 19.75 15.89
N ILE B 135 -17.44 20.64 15.06
CA ILE B 135 -17.69 20.69 13.62
C ILE B 135 -16.63 19.89 12.86
N GLY B 136 -15.38 19.93 13.36
CA GLY B 136 -14.25 19.20 12.80
C GLY B 136 -14.45 17.69 12.74
N ASN B 137 -15.02 17.09 13.83
CA ASN B 137 -15.32 15.65 13.94
C ASN B 137 -16.34 15.21 12.88
N PHE B 138 -17.28 16.11 12.49
CA PHE B 138 -18.24 15.84 11.44
C PHE B 138 -17.49 15.81 10.10
N ILE B 139 -16.63 16.85 9.84
CA ILE B 139 -15.82 17.02 8.63
C ILE B 139 -14.96 15.78 8.38
N ILE B 140 -14.24 15.30 9.43
CA ILE B 140 -13.39 14.10 9.37
C ILE B 140 -14.21 12.88 8.92
N GLY B 141 -15.44 12.76 9.43
CA GLY B 141 -16.37 11.68 9.11
C GLY B 141 -16.96 11.79 7.70
N TYR B 142 -17.43 12.99 7.33
CA TYR B 142 -18.00 13.25 6.01
C TYR B 142 -16.98 13.00 4.88
N LEU B 143 -15.78 13.63 4.97
CA LEU B 143 -14.71 13.51 3.97
C LEU B 143 -14.24 12.08 3.71
N THR B 144 -14.17 11.25 4.77
CA THR B 144 -13.76 9.84 4.67
C THR B 144 -14.84 9.01 3.95
N GLY B 145 -16.10 9.31 4.23
CA GLY B 145 -17.24 8.65 3.61
C GLY B 145 -17.47 9.07 2.17
N SER B 146 -17.28 10.39 1.88
CA SER B 146 -17.45 11.02 0.56
C SER B 146 -16.60 10.41 -0.53
N VAL B 147 -15.38 9.94 -0.17
CA VAL B 147 -14.41 9.26 -1.02
C VAL B 147 -15.06 8.06 -1.74
N PHE B 148 -15.82 7.23 -0.99
CA PHE B 148 -16.56 6.07 -1.50
C PHE B 148 -17.69 6.57 -2.40
N LEU B 149 -18.63 7.40 -1.83
CA LEU B 149 -19.79 8.02 -2.50
C LEU B 149 -19.44 8.63 -3.86
N PHE B 150 -18.23 9.22 -3.96
CA PHE B 150 -17.71 9.80 -5.19
C PHE B 150 -17.57 8.75 -6.29
N GLY B 151 -16.96 7.61 -5.95
CA GLY B 151 -16.82 6.49 -6.87
C GLY B 151 -18.17 5.87 -7.17
N GLY B 152 -19.04 5.85 -6.15
CA GLY B 152 -20.40 5.32 -6.20
C GLY B 152 -21.28 6.00 -7.24
N VAL B 153 -21.34 7.36 -7.22
CA VAL B 153 -22.16 8.16 -8.15
C VAL B 153 -21.76 7.94 -9.65
N ALA B 154 -20.57 7.35 -9.92
CA ALA B 154 -20.10 7.05 -11.27
C ALA B 154 -20.68 5.72 -11.81
N GLY B 155 -21.01 4.79 -10.90
CA GLY B 155 -21.59 3.50 -11.21
C GLY B 155 -23.10 3.50 -11.33
N LYS B 156 -23.69 2.34 -11.72
CA LYS B 156 -25.13 2.18 -11.94
C LYS B 156 -25.97 1.97 -10.67
N ASN B 157 -25.42 1.31 -9.62
CA ASN B 157 -26.16 1.07 -8.38
C ASN B 157 -25.46 1.74 -7.19
N VAL B 158 -25.82 3.02 -6.93
CA VAL B 158 -25.23 3.86 -5.87
C VAL B 158 -25.78 3.54 -4.45
N MET B 159 -27.02 2.97 -4.34
CA MET B 159 -27.66 2.65 -3.06
C MET B 159 -26.72 1.93 -2.04
N PRO B 160 -26.00 0.81 -2.38
CA PRO B 160 -25.10 0.21 -1.38
C PRO B 160 -23.94 1.12 -0.95
N VAL B 161 -23.47 1.99 -1.85
CA VAL B 161 -22.38 2.96 -1.56
C VAL B 161 -22.93 4.13 -0.71
N VAL B 162 -24.24 4.47 -0.84
CA VAL B 162 -24.91 5.50 -0.04
C VAL B 162 -24.93 5.04 1.44
N ILE B 163 -25.26 3.76 1.70
CA ILE B 163 -25.29 3.16 3.04
C ILE B 163 -23.86 3.12 3.61
N LEU B 164 -22.84 2.78 2.76
CA LEU B 164 -21.43 2.74 3.14
C LEU B 164 -20.94 4.13 3.57
N PHE B 165 -21.33 5.19 2.81
CA PHE B 165 -21.00 6.59 3.07
C PHE B 165 -21.62 7.08 4.40
N LEU B 166 -22.92 6.78 4.61
CA LEU B 166 -23.69 7.14 5.80
C LEU B 166 -23.12 6.48 7.05
N CYS B 167 -22.79 5.16 6.96
CA CYS B 167 -22.23 4.36 8.04
C CYS B 167 -20.82 4.79 8.42
N SER B 168 -19.97 5.13 7.41
CA SER B 168 -18.60 5.63 7.61
C SER B 168 -18.67 6.97 8.36
N LEU B 169 -19.47 7.94 7.83
CA LEU B 169 -19.70 9.27 8.39
C LEU B 169 -20.03 9.17 9.89
N LEU B 170 -21.11 8.42 10.24
CA LEU B 170 -21.61 8.24 11.61
C LEU B 170 -20.61 7.59 12.56
N SER B 171 -20.03 6.43 12.17
CA SER B 171 -19.06 5.70 12.99
C SER B 171 -17.72 6.43 13.17
N ILE B 172 -17.19 7.07 12.10
CA ILE B 172 -15.93 7.82 12.17
C ILE B 172 -16.12 9.06 13.05
N TRP B 173 -17.25 9.78 12.86
CA TRP B 173 -17.62 10.95 13.66
C TRP B 173 -17.65 10.57 15.15
N GLY B 174 -18.31 9.45 15.48
CA GLY B 174 -18.39 8.91 16.83
C GLY B 174 -17.03 8.60 17.45
N ARG B 175 -16.18 7.83 16.70
CA ARG B 175 -14.81 7.43 17.06
C ARG B 175 -13.91 8.64 17.27
N GLU B 176 -14.17 9.75 16.54
CA GLU B 176 -13.42 10.99 16.67
C GLU B 176 -13.67 11.64 18.04
N ILE B 177 -14.92 11.57 18.56
CA ILE B 177 -15.29 12.09 19.89
C ILE B 177 -14.62 11.21 20.96
N VAL B 178 -14.53 9.89 20.70
CA VAL B 178 -13.89 8.90 21.59
C VAL B 178 -12.39 9.22 21.72
N LYS B 179 -11.72 9.52 20.58
CA LYS B 179 -10.31 9.91 20.52
C LYS B 179 -10.09 11.21 21.30
N ASP B 180 -11.04 12.17 21.19
CA ASP B 180 -11.02 13.46 21.88
C ASP B 180 -11.12 13.34 23.40
N PHE B 181 -11.81 12.29 23.88
CA PHE B 181 -11.98 11.99 25.31
C PHE B 181 -10.65 11.47 25.88
N GLU B 182 -9.87 10.75 25.05
CA GLU B 182 -8.56 10.21 25.38
C GLU B 182 -7.51 11.35 25.37
N ASP B 183 -7.60 12.26 24.38
CA ASP B 183 -6.71 13.40 24.18
C ASP B 183 -7.17 14.68 24.91
N MET B 184 -8.12 14.55 25.86
CA MET B 184 -8.71 15.64 26.66
C MET B 184 -7.71 16.53 27.39
N GLU B 185 -6.73 15.92 28.11
CA GLU B 185 -5.67 16.62 28.85
C GLU B 185 -4.73 17.43 27.95
N GLY B 186 -4.34 16.85 26.81
CA GLY B 186 -3.47 17.47 25.82
C GLY B 186 -4.14 18.60 25.05
N ASP B 187 -5.40 18.39 24.63
CA ASP B 187 -6.20 19.37 23.87
C ASP B 187 -6.49 20.62 24.72
N LYS B 188 -6.81 20.44 26.02
CA LYS B 188 -7.11 21.50 26.98
C LYS B 188 -5.97 22.53 27.10
N LYS B 189 -4.70 22.04 27.14
CA LYS B 189 -3.50 22.87 27.23
C LYS B 189 -2.92 23.22 25.84
N GLU B 190 -3.80 23.34 24.83
CA GLU B 190 -3.46 23.66 23.44
C GLU B 190 -4.45 24.63 22.79
N GLY B 191 -5.51 24.98 23.51
CA GLY B 191 -6.56 25.88 23.03
C GLY B 191 -7.43 25.22 21.98
N VAL B 192 -7.84 23.97 22.24
CA VAL B 192 -8.68 23.17 21.35
C VAL B 192 -10.07 23.03 22.02
N ILE B 193 -11.15 23.29 21.27
CA ILE B 193 -12.52 23.17 21.75
C ILE B 193 -13.10 21.84 21.22
N SER B 194 -13.52 20.95 22.15
CA SER B 194 -14.09 19.64 21.83
C SER B 194 -15.29 19.28 22.70
N LEU B 195 -16.14 18.33 22.23
CA LEU B 195 -17.31 17.86 22.98
C LEU B 195 -16.92 17.30 24.37
N PRO B 196 -15.87 16.45 24.55
CA PRO B 196 -15.50 16.02 25.92
C PRO B 196 -14.96 17.15 26.81
N ILE B 197 -14.46 18.26 26.22
CA ILE B 197 -13.96 19.41 26.98
C ILE B 197 -15.14 20.23 27.52
N LYS B 198 -16.17 20.44 26.68
CA LYS B 198 -17.39 21.20 26.99
C LYS B 198 -18.44 20.42 27.80
N TYR B 199 -18.49 19.07 27.68
CA TYR B 199 -19.55 18.26 28.32
C TYR B 199 -19.08 17.06 29.14
N GLY B 200 -17.82 16.68 29.02
CA GLY B 200 -17.26 15.54 29.76
C GLY B 200 -17.77 14.21 29.26
N LYS B 201 -18.23 13.36 30.20
CA LYS B 201 -18.76 12.01 29.93
C LYS B 201 -20.08 12.00 29.13
N LYS B 202 -20.85 13.12 29.18
CA LYS B 202 -22.12 13.29 28.46
C LYS B 202 -21.96 13.11 26.93
N SER B 203 -20.82 13.60 26.40
CA SER B 203 -20.45 13.54 24.96
C SER B 203 -20.36 12.10 24.44
N LEU B 204 -19.96 11.15 25.32
CA LEU B 204 -19.83 9.72 24.99
C LEU B 204 -21.17 9.05 24.69
N TYR B 205 -22.29 9.69 25.09
CA TYR B 205 -23.65 9.23 24.80
C TYR B 205 -24.01 9.61 23.36
N PHE B 206 -23.50 10.76 22.89
CA PHE B 206 -23.67 11.24 21.51
C PHE B 206 -22.82 10.39 20.58
N ALA B 207 -21.59 10.00 21.02
CA ALA B 207 -20.70 9.10 20.29
C ALA B 207 -21.36 7.72 20.15
N THR B 208 -22.07 7.25 21.22
CA THR B 208 -22.82 5.99 21.26
C THR B 208 -24.00 6.08 20.28
N PHE B 209 -24.75 7.19 20.32
CA PHE B 209 -25.90 7.47 19.45
C PHE B 209 -25.54 7.40 17.96
N LEU B 210 -24.38 7.98 17.57
CA LEU B 210 -23.90 7.97 16.19
C LEU B 210 -23.52 6.55 15.75
N VAL B 211 -22.88 5.76 16.65
CA VAL B 211 -22.51 4.36 16.42
C VAL B 211 -23.80 3.51 16.26
N VAL B 212 -24.79 3.71 17.15
CA VAL B 212 -26.09 3.02 17.17
C VAL B 212 -26.86 3.27 15.84
N LEU B 213 -26.92 4.53 15.39
CA LEU B 213 -27.57 4.93 14.13
C LEU B 213 -26.89 4.28 12.92
N ALA B 214 -25.56 4.12 12.96
CA ALA B 214 -24.80 3.46 11.90
C ALA B 214 -25.17 1.97 11.85
N VAL B 215 -25.36 1.35 13.05
CA VAL B 215 -25.73 -0.07 13.24
C VAL B 215 -27.16 -0.36 12.69
N ILE B 216 -28.10 0.60 12.83
CA ILE B 216 -29.47 0.49 12.33
C ILE B 216 -29.50 0.48 10.77
N LEU B 217 -28.64 1.29 10.14
CA LEU B 217 -28.53 1.40 8.68
C LEU B 217 -27.74 0.26 8.05
N SER B 218 -26.83 -0.38 8.80
CA SER B 218 -25.97 -1.46 8.29
C SER B 218 -26.72 -2.67 7.67
N PRO B 219 -27.84 -3.24 8.19
CA PRO B 219 -28.44 -4.39 7.49
C PRO B 219 -29.23 -4.07 6.20
N LEU B 220 -29.34 -2.76 5.83
CA LEU B 220 -30.12 -2.31 4.67
C LEU B 220 -29.69 -2.93 3.32
N PRO B 221 -28.38 -3.05 2.92
CA PRO B 221 -28.06 -3.74 1.65
C PRO B 221 -28.65 -5.16 1.56
N TYR B 222 -28.75 -5.87 2.69
CA TYR B 222 -29.36 -7.20 2.76
C TYR B 222 -30.88 -7.09 2.61
N ILE B 223 -31.54 -6.25 3.45
CA ILE B 223 -33.00 -6.04 3.46
C ILE B 223 -33.51 -5.59 2.07
N LEU B 224 -32.76 -4.70 1.40
CA LEU B 224 -33.11 -4.20 0.06
C LEU B 224 -32.78 -5.20 -1.08
N LYS B 225 -32.33 -6.43 -0.71
CA LYS B 225 -31.97 -7.56 -1.61
C LYS B 225 -30.79 -7.24 -2.55
N ILE B 226 -29.87 -6.36 -2.10
CA ILE B 226 -28.70 -5.99 -2.89
C ILE B 226 -27.57 -6.99 -2.60
N PHE B 227 -27.22 -7.16 -1.31
CA PHE B 227 -26.18 -8.09 -0.84
C PHE B 227 -26.81 -9.32 -0.15
N GLY B 228 -26.09 -10.43 -0.12
CA GLY B 228 -26.59 -11.69 0.43
C GLY B 228 -26.14 -12.06 1.83
N ILE B 229 -25.99 -13.38 2.06
CA ILE B 229 -25.67 -14.03 3.33
C ILE B 229 -24.30 -13.61 3.93
N TRP B 230 -23.19 -13.62 3.14
CA TRP B 230 -21.84 -13.30 3.64
C TRP B 230 -21.74 -11.90 4.22
N TYR B 231 -22.47 -10.93 3.63
CA TYR B 231 -22.57 -9.56 4.11
C TYR B 231 -23.30 -9.58 5.45
N LEU B 232 -24.51 -10.19 5.50
CA LEU B 232 -25.37 -10.33 6.67
C LEU B 232 -24.66 -10.92 7.90
N ILE B 233 -23.82 -11.95 7.69
CA ILE B 233 -23.08 -12.61 8.76
C ILE B 233 -21.93 -11.71 9.27
N LEU B 234 -21.15 -11.12 8.35
CA LEU B 234 -20.03 -10.22 8.67
C LEU B 234 -20.52 -8.94 9.36
N ILE B 235 -21.67 -8.41 8.91
CA ILE B 235 -22.30 -7.23 9.48
C ILE B 235 -22.82 -7.54 10.89
N ALA B 236 -23.46 -8.72 11.11
CA ALA B 236 -24.01 -9.14 12.39
C ALA B 236 -22.94 -9.16 13.51
N ILE B 237 -21.79 -9.84 13.27
CA ILE B 237 -20.67 -9.91 14.23
C ILE B 237 -20.20 -8.49 14.59
N CYS B 238 -20.00 -7.65 13.56
CA CYS B 238 -19.53 -6.29 13.66
C CYS B 238 -20.51 -5.34 14.36
N ASP B 239 -21.83 -5.50 14.13
CA ASP B 239 -22.86 -4.68 14.75
C ASP B 239 -22.92 -4.93 16.25
N ILE B 240 -22.86 -6.22 16.67
CA ILE B 240 -22.87 -6.67 18.07
C ILE B 240 -21.58 -6.18 18.79
N LEU B 241 -20.42 -6.27 18.11
CA LEU B 241 -19.12 -5.83 18.64
C LEU B 241 -19.06 -4.32 18.82
N PHE B 242 -19.75 -3.56 17.95
CA PHE B 242 -19.82 -2.09 18.00
C PHE B 242 -20.58 -1.67 19.25
N ILE B 243 -21.81 -2.23 19.46
CA ILE B 243 -22.67 -1.95 20.61
C ILE B 243 -21.98 -2.37 21.94
N TYR B 244 -21.18 -3.46 21.91
CA TYR B 244 -20.41 -3.94 23.07
C TYR B 244 -19.27 -2.97 23.41
N ALA B 245 -18.52 -2.51 22.38
CA ALA B 245 -17.39 -1.56 22.50
C ALA B 245 -17.83 -0.26 23.17
N MET B 246 -18.98 0.30 22.75
CA MET B 246 -19.49 1.55 23.33
C MET B 246 -20.03 1.34 24.74
N ALA B 247 -20.66 0.15 24.97
CA ALA B 247 -21.18 -0.23 26.27
C ALA B 247 -20.04 -0.31 27.32
N LEU B 248 -18.84 -0.79 26.93
CA LEU B 248 -17.66 -0.86 27.79
C LEU B 248 -17.19 0.54 28.19
N LEU B 249 -17.11 1.45 27.18
CA LEU B 249 -16.69 2.83 27.36
C LEU B 249 -17.65 3.62 28.25
N LEU B 250 -18.97 3.37 28.13
CA LEU B 250 -19.98 4.03 28.97
C LEU B 250 -19.89 3.53 30.43
N LYS B 251 -19.51 2.25 30.62
CA LYS B 251 -19.34 1.63 31.94
C LYS B 251 -18.03 2.06 32.61
N GLU B 252 -16.95 2.18 31.81
CA GLU B 252 -15.62 2.61 32.26
C GLU B 252 -15.21 3.89 31.46
N PRO B 253 -15.79 5.09 31.75
CA PRO B 253 -15.42 6.27 30.96
C PRO B 253 -14.10 6.91 31.40
N ASN B 254 -12.98 6.27 31.03
CA ASN B 254 -11.64 6.74 31.32
C ASN B 254 -10.77 6.80 30.06
N LYS B 255 -9.54 7.38 30.17
CA LYS B 255 -8.58 7.54 29.08
C LYS B 255 -8.09 6.18 28.56
N GLU B 256 -7.82 5.23 29.49
CA GLU B 256 -7.34 3.87 29.19
C GLU B 256 -8.33 3.11 28.29
N THR B 257 -9.62 3.09 28.68
CA THR B 257 -10.71 2.43 27.96
C THR B 257 -10.95 3.12 26.61
N ALA B 258 -10.96 4.47 26.58
CA ALA B 258 -11.15 5.28 25.37
C ALA B 258 -10.10 4.95 24.30
N SER B 259 -8.83 4.79 24.75
CA SER B 259 -7.68 4.42 23.92
C SER B 259 -7.88 3.03 23.30
N LYS B 260 -8.30 2.06 24.13
CA LYS B 260 -8.56 0.66 23.73
C LYS B 260 -9.76 0.57 22.76
N VAL B 261 -10.90 1.22 23.10
CA VAL B 261 -12.11 1.23 22.28
C VAL B 261 -11.82 1.89 20.91
N SER B 262 -10.99 2.96 20.89
CA SER B 262 -10.55 3.63 19.66
C SER B 262 -9.81 2.67 18.70
N LYS B 263 -8.97 1.76 19.25
CA LYS B 263 -8.20 0.76 18.50
C LYS B 263 -9.11 -0.32 17.94
N PHE B 264 -10.09 -0.77 18.76
CA PHE B 264 -11.06 -1.80 18.40
C PHE B 264 -11.98 -1.34 17.25
N LEU B 265 -12.53 -0.12 17.34
CA LEU B 265 -13.43 0.45 16.34
C LEU B 265 -12.78 0.59 14.97
N LYS B 266 -11.46 0.92 14.92
CA LYS B 266 -10.72 1.03 13.64
C LYS B 266 -10.67 -0.34 12.94
N ILE B 267 -10.41 -1.45 13.70
CA ILE B 267 -10.35 -2.83 13.19
C ILE B 267 -11.73 -3.24 12.61
N ILE B 268 -12.81 -3.01 13.40
CA ILE B 268 -14.19 -3.35 13.04
C ILE B 268 -14.62 -2.61 11.76
N MET B 269 -14.27 -1.31 11.64
CA MET B 269 -14.54 -0.48 10.46
C MET B 269 -13.91 -1.09 9.20
N ASN B 270 -12.71 -1.69 9.33
CA ASN B 270 -12.00 -2.37 8.23
C ASN B 270 -12.66 -3.69 7.81
N ILE B 271 -13.32 -4.36 8.76
CA ILE B 271 -14.06 -5.64 8.48
C ILE B 271 -15.39 -5.29 7.78
N VAL B 272 -16.01 -4.20 8.19
CA VAL B 272 -17.25 -3.68 7.57
C VAL B 272 -16.94 -3.30 6.10
N LEU B 273 -15.76 -2.68 5.84
CA LEU B 273 -15.34 -2.35 4.48
C LEU B 273 -15.15 -3.64 3.67
N LEU B 274 -14.54 -4.69 4.29
CA LEU B 274 -14.35 -6.00 3.67
C LEU B 274 -15.71 -6.63 3.33
N ALA B 275 -16.70 -6.54 4.24
CA ALA B 275 -18.06 -7.06 4.07
C ALA B 275 -18.77 -6.43 2.86
N PHE B 276 -18.53 -5.12 2.60
CA PHE B 276 -19.09 -4.40 1.46
C PHE B 276 -18.42 -4.86 0.16
N ILE B 277 -17.08 -5.08 0.19
CA ILE B 277 -16.31 -5.57 -0.97
C ILE B 277 -16.78 -7.00 -1.33
N VAL B 278 -16.89 -7.89 -0.30
CA VAL B 278 -17.34 -9.30 -0.37
C VAL B 278 -18.79 -9.38 -0.92
N GLY B 279 -19.65 -8.48 -0.44
CA GLY B 279 -21.03 -8.36 -0.88
C GLY B 279 -21.14 -7.91 -2.32
N ALA B 280 -20.21 -7.03 -2.75
CA ALA B 280 -20.11 -6.51 -4.11
C ALA B 280 -19.72 -7.60 -5.11
N ILE B 281 -18.90 -8.59 -4.69
CA ILE B 281 -18.50 -9.73 -5.53
C ILE B 281 -19.76 -10.60 -5.73
N LYS B 282 -20.50 -10.26 -6.80
CA LYS B 282 -21.78 -10.83 -7.20
C LYS B 282 -21.68 -11.26 -8.68
N LEU B 283 -20.60 -12.02 -8.99
CA LEU B 283 -20.27 -12.52 -10.33
C LEU B 283 -19.38 -13.76 -10.27
C2 MPG C . 8.23 15.12 -21.94
C3 MPG C . 6.82 15.03 -21.40
C4 MPG C . 6.59 13.82 -20.53
C5 MPG C . 5.85 12.70 -21.22
C6 MPG C . 6.69 11.47 -21.48
C7 MPG C . 6.19 10.21 -20.78
C8 MPG C . 7.14 9.64 -19.78
C9 MPG C . 7.50 8.21 -20.05
C10 MPG C . 8.11 7.38 -19.24
C11 MPG C . 9.51 7.49 -18.72
C12 MPG C . 9.59 8.06 -17.34
C13 MPG C . 10.89 8.75 -17.01
C14 MPG C . 11.39 8.53 -15.61
C15 MPG C . 12.50 9.46 -15.20
C16 MPG C . 12.56 9.72 -13.72
C17 MPG C . 13.86 9.31 -13.08
C18 MPG C . 14.50 10.36 -12.20
O1 MPG C . 10.41 15.68 -21.11
C1 MPG C . 9.06 16.18 -21.27
CXD MPG C . 12.65 16.47 -21.12
O2 MPG C . 13.18 15.28 -20.58
C21 MPG C . 12.48 17.55 -20.06
O3 MPG C . 13.75 17.78 -19.45
O4 MPG C . 11.27 16.36 -23.08
CX3 MPG C . 11.35 16.18 -21.89
C1 DMA D . 9.69 -4.75 -11.58
O1 DMA D . 10.55 -5.11 -10.51
C2 DMA D . 10.01 -5.56 -12.80
C3 DMA D . 11.01 -5.43 -13.65
C4 DMA D . 10.83 -5.54 -15.13
C5 DMA D . 12.43 -5.22 -13.22
PA DMA D . 10.33 -4.47 -9.04
O1A DMA D . 9.53 -3.21 -9.16
O2A DMA D . 9.85 -5.56 -8.14
O3A DMA D . 11.84 -4.09 -8.63
PB DMA D . 12.57 -3.70 -7.25
O1B DMA D . 13.11 -2.30 -7.43
O2B DMA D . 11.50 -3.77 -6.17
O3B DMA D . 13.66 -4.72 -7.03
C1 DMA E . 14.33 -12.31 0.91
O1 DMA E . 13.64 -12.07 2.14
C2 DMA E . 13.72 -11.52 -0.21
C3 DMA E . 14.34 -10.65 -0.97
C4 DMA E . 13.62 -9.54 -1.67
C5 DMA E . 15.83 -10.67 -1.21
PA DMA E . 14.44 -11.56 3.43
O1A DMA E . 15.90 -11.43 3.13
O2A DMA E . 14.03 -12.40 4.59
O3A DMA E . 13.83 -10.08 3.64
PB DMA E . 13.85 -9.02 4.85
O1B DMA E . 12.97 -7.87 4.40
O2B DMA E . 13.28 -9.74 6.06
O3B DMA E . 15.28 -8.62 5.04
C2 MPG F . -13.21 7.88 -26.58
C3 MPG F . -12.25 7.35 -25.54
C4 MPG F . -11.24 6.38 -26.08
C5 MPG F . -9.81 6.70 -25.70
C6 MPG F . -8.80 5.70 -26.19
C7 MPG F . -7.96 6.19 -27.36
C8 MPG F . -6.74 5.35 -27.61
C9 MPG F . -5.45 6.12 -27.52
C10 MPG F . -4.67 6.14 -26.47
C11 MPG F . -3.69 7.21 -26.13
C12 MPG F . -2.96 6.93 -24.86
C13 MPG F . -1.78 7.87 -24.59
C14 MPG F . -1.74 8.41 -23.19
C15 MPG F . -0.61 9.39 -22.95
C16 MPG F . 0.53 8.83 -22.13
C17 MPG F . 0.65 9.41 -20.74
C18 MPG F . 0.15 8.50 -19.65
O1 MPG F . -15.61 7.72 -26.64
C1 MPG F . -14.37 6.97 -26.81
CXD MPG F . -17.35 6.64 -25.44
O2 MPG F . -18.55 7.25 -24.97
C21 MPG F . -17.01 5.40 -24.64
O3 MPG F . -18.04 4.43 -24.79
O4 MPG F . -15.93 8.33 -24.50
CX3 MPG F . -16.21 7.66 -25.45
P PO4 G . 16.08 -0.34 -1.70
O1 PO4 G . 15.59 0.96 -2.38
O2 PO4 G . 17.67 -0.42 -1.78
O3 PO4 G . 15.61 -0.35 -0.16
O4 PO4 G . 15.43 -1.60 -2.45
MG MG H . 15.46 -5.34 -4.17
C2 MPG I . -13.60 -18.22 16.06
C3 MPG I . -12.36 -18.45 15.24
C4 MPG I . -12.55 -18.00 13.82
C5 MPG I . -13.80 -17.21 13.63
C6 MPG I . -14.00 -16.70 12.24
C7 MPG I . -13.30 -15.38 11.96
C8 MPG I . -14.01 -14.20 12.50
C9 MPG I . -15.13 -13.75 11.63
C10 MPG I . -15.26 -12.58 11.08
C11 MPG I . -15.19 -11.26 11.79
C12 MPG I . -14.32 -11.31 12.98
C13 MPG I . -13.78 -9.97 13.39
C14 MPG I . -12.43 -10.04 14.01
C15 MPG I . -12.37 -9.44 15.37
C16 MPG I . -11.09 -8.73 15.65
C17 MPG I . -11.16 -7.86 16.85
C18 MPG I . -9.91 -7.87 17.68
O1 MPG I . -13.76 -17.82 18.39
C1 MPG I . -13.54 -18.84 17.40
CXD MPG I . -12.83 -17.15 20.44
O2 MPG I . -14.14 -16.82 20.79
C21 MPG I . -11.85 -16.16 21.01
O3 MPG I . -11.92 -16.30 22.41
O4 MPG I . -11.69 -16.97 18.38
CX3 MPG I . -12.69 -17.29 18.96
N1 LDA J . -8.26 9.96 10.39
O1 LDA J . -7.88 10.84 11.43
CM1 LDA J . -8.78 10.80 9.27
CM2 LDA J . -7.04 9.23 9.95
C1 LDA J . -9.30 9.02 10.94
C2 LDA J . -10.18 8.29 9.94
C3 LDA J . -10.30 6.80 10.21
C4 LDA J . -10.46 5.96 8.96
C5 LDA J . -11.40 4.79 9.11
C6 LDA J . -11.34 3.79 7.96
C7 LDA J . -12.45 3.95 6.94
C8 LDA J . -13.21 2.68 6.66
C9 LDA J . -14.65 2.91 6.24
C10 LDA J . -15.61 1.80 6.61
C11 LDA J . -16.39 2.05 7.88
C12 LDA J . -17.75 1.41 7.91
C2 MPG K . -11.16 10.13 -20.29
C3 MPG K . -10.60 10.73 -19.02
C4 MPG K . -9.17 10.35 -18.75
C5 MPG K . -8.70 10.70 -17.37
C6 MPG K . -7.40 11.47 -17.33
C7 MPG K . -7.17 12.23 -16.04
C8 MPG K . -5.79 12.82 -15.91
C9 MPG K . -5.78 14.32 -15.89
C10 MPG K . -4.79 15.06 -15.48
C11 MPG K . -3.67 15.58 -16.32
C12 MPG K . -3.08 16.86 -15.81
C13 MPG K . -1.93 16.66 -14.82
C14 MPG K . -0.95 17.80 -14.75
C15 MPG K . -0.84 18.46 -13.40
C16 MPG K . 0.22 17.88 -12.49
C17 MPG K . -0.21 17.72 -11.06
C18 MPG K . 0.35 16.49 -10.38
O1 MPG K . -13.41 10.71 -20.89
C1 MPG K . -12.02 11.08 -21.08
CXD MPG K . -15.71 11.32 -20.94
O2 MPG K . -16.21 10.30 -20.08
C21 MPG K . -15.96 10.98 -22.40
O3 MPG K . -15.34 11.95 -23.21
O4 MPG K . -13.99 12.75 -20.11
CX3 MPG K . -14.27 11.69 -20.60
P PO4 L . -5.92 7.26 13.87
O1 PO4 L . -5.44 8.78 13.91
O2 PO4 L . -7.13 7.12 12.90
O3 PO4 L . -6.34 6.80 15.33
O4 PO4 L . -4.71 6.34 13.34
#